data_5I0A
#
_entry.id   5I0A
#
_cell.length_a   57.269
_cell.length_b   64.051
_cell.length_c   37.167
_cell.angle_alpha   90.000
_cell.angle_beta   90.000
_cell.angle_gamma   90.000
#
_symmetry.space_group_name_H-M   'P 21 21 2'
#
loop_
_entity.id
_entity.type
_entity.pdbx_description
1 polymer Intein
2 non-polymer Cisplatin
3 non-polymer "3,3',3''-phosphanetriyltripropanoic acid"
4 non-polymer 'SULFATE ION'
5 water water
#
_entity_poly.entity_id   1
_entity_poly.type   'polypeptide(L)'
_entity_poly.pdbx_seq_one_letter_code
;CLAEGTRIFDPVTGTTHRIEDVVDGRKPIHVVAAAKDGTLHARPVVSWFDQGTRDVIGLRIAGGAILWATPDHKVLTEYG
WRAAGELRKGDRVAVRDVETGELRYSVIREVLPTRRARTFDLEVEELHTLVAEGVVVHACSPPF
;
_entity_poly.pdbx_strand_id   A
#
# COMPACT_ATOMS: atom_id res chain seq x y z
N CYS A 1 -7.40 -3.06 4.99
CA CYS A 1 -7.28 -1.63 5.25
C CYS A 1 -5.89 -1.24 5.66
N LEU A 2 -5.56 0.04 5.47
CA LEU A 2 -4.24 0.60 5.73
C LEU A 2 -4.32 1.52 6.94
N ALA A 3 -3.26 1.50 7.76
CA ALA A 3 -3.27 2.24 9.01
C ALA A 3 -3.11 3.73 8.79
N GLU A 4 -3.70 4.51 9.70
CA GLU A 4 -3.32 5.90 9.87
C GLU A 4 -1.80 6.04 9.81
N GLY A 5 -1.35 7.08 9.11
CA GLY A 5 0.06 7.30 8.89
C GLY A 5 0.63 6.69 7.63
N THR A 6 -0.11 5.79 6.96
CA THR A 6 0.39 5.19 5.72
C THR A 6 0.66 6.28 4.69
N ARG A 7 1.88 6.33 4.18
CA ARG A 7 2.30 7.35 3.23
C ARG A 7 1.99 6.93 1.80
N ILE A 8 1.34 7.83 1.06
CA ILE A 8 0.91 7.56 -0.31
C ILE A 8 1.48 8.66 -1.21
N PHE A 9 2.33 8.25 -2.15
CA PHE A 9 2.96 9.18 -3.08
C PHE A 9 2.06 9.48 -4.27
N ASP A 10 1.85 10.77 -4.55
CA ASP A 10 1.12 11.20 -5.75
C ASP A 10 2.14 11.50 -6.84
N PRO A 11 2.22 10.68 -7.90
CA PRO A 11 3.28 10.90 -8.91
C PRO A 11 3.03 12.10 -9.82
N VAL A 12 1.80 12.63 -9.88
CA VAL A 12 1.52 13.79 -10.71
C VAL A 12 2.02 15.06 -10.05
N THR A 13 1.74 15.23 -8.77
CA THR A 13 2.18 16.41 -8.04
C THR A 13 3.53 16.22 -7.38
N GLY A 14 3.95 14.98 -7.13
CA GLY A 14 5.13 14.72 -6.35
C GLY A 14 4.94 14.83 -4.86
N THR A 15 3.71 15.03 -4.39
CA THR A 15 3.42 15.19 -2.97
C THR A 15 3.14 13.83 -2.33
N THR A 16 3.68 13.62 -1.13
CA THR A 16 3.36 12.44 -0.33
C THR A 16 2.34 12.81 0.73
N HIS A 17 1.28 12.01 0.83
CA HIS A 17 0.14 12.26 1.71
C HIS A 17 0.03 11.18 2.76
N ARG A 18 -0.46 11.52 3.94
CA ARG A 18 -0.90 10.50 4.89
C ARG A 18 -2.32 10.09 4.53
N ILE A 19 -2.59 8.78 4.53
CA ILE A 19 -3.86 8.29 4.01
C ILE A 19 -5.06 8.85 4.78
N GLU A 20 -4.92 9.06 6.10
CA GLU A 20 -6.05 9.58 6.86
C GLU A 20 -6.41 10.99 6.42
N ASP A 21 -5.42 11.78 5.99
CA ASP A 21 -5.73 13.12 5.47
C ASP A 21 -6.42 13.04 4.12
N VAL A 22 -6.01 12.09 3.28
CA VAL A 22 -6.64 11.89 1.98
C VAL A 22 -8.11 11.55 2.17
N VAL A 23 -8.41 10.63 3.08
CA VAL A 23 -9.78 10.21 3.29
C VAL A 23 -10.59 11.30 3.99
N ASP A 24 -10.04 11.85 5.08
CA ASP A 24 -10.82 12.83 5.84
C ASP A 24 -11.11 14.09 5.04
N GLY A 25 -10.24 14.42 4.10
CA GLY A 25 -10.41 15.57 3.24
C GLY A 25 -10.92 15.28 1.85
N ARG A 26 -11.24 14.02 1.55
CA ARG A 26 -11.66 13.58 0.23
C ARG A 26 -10.80 14.21 -0.87
N LYS A 27 -9.47 14.05 -0.70
CA LYS A 27 -8.54 14.75 -1.57
C LYS A 27 -8.44 14.04 -2.90
N PRO A 28 -8.58 14.72 -3.97
CA PRO A 28 -8.58 14.08 -5.29
C PRO A 28 -7.17 13.82 -5.82
N ILE A 29 -6.40 13.03 -5.08
CA ILE A 29 -5.02 12.77 -5.44
C ILE A 29 -4.94 11.69 -6.52
N HIS A 30 -3.78 11.64 -7.17
CA HIS A 30 -3.37 10.46 -7.91
C HIS A 30 -2.43 9.63 -7.06
N VAL A 31 -2.36 8.35 -7.39
CA VAL A 31 -1.43 7.41 -6.79
C VAL A 31 -0.61 6.76 -7.90
N VAL A 32 0.43 6.05 -7.50
CA VAL A 32 1.09 5.09 -8.38
C VAL A 32 0.35 3.77 -8.27
N ALA A 33 -0.13 3.26 -9.40
CA ALA A 33 -0.86 2.00 -9.45
C ALA A 33 -0.10 1.03 -10.35
N ALA A 34 -0.19 -0.26 -10.04
CA ALA A 34 0.43 -1.29 -10.89
C ALA A 34 -0.60 -1.92 -11.82
N ALA A 35 -0.17 -2.14 -13.06
CA ALA A 35 -0.88 -3.02 -13.98
C ALA A 35 -0.34 -4.45 -13.84
N LYS A 36 -1.06 -5.41 -14.43
CA LYS A 36 -0.71 -6.82 -14.23
C LYS A 36 0.62 -7.20 -14.87
N ASP A 37 1.12 -6.41 -15.82
CA ASP A 37 2.39 -6.69 -16.48
C ASP A 37 3.59 -6.10 -15.73
N GLY A 38 3.38 -5.55 -14.53
CA GLY A 38 4.45 -4.94 -13.79
C GLY A 38 4.75 -3.49 -14.11
N THR A 39 4.02 -2.88 -15.05
CA THR A 39 4.24 -1.47 -15.29
C THR A 39 3.46 -0.63 -14.28
N LEU A 40 4.01 0.53 -13.96
CA LEU A 40 3.43 1.45 -12.99
C LEU A 40 2.89 2.70 -13.70
N HIS A 41 1.77 3.23 -13.20
CA HIS A 41 1.05 4.30 -13.86
C HIS A 41 0.39 5.20 -12.82
N ALA A 42 0.14 6.44 -13.19
CA ALA A 42 -0.61 7.35 -12.34
C ALA A 42 -2.10 7.12 -12.53
N ARG A 43 -2.82 6.95 -11.42
CA ARG A 43 -4.28 6.77 -11.49
C ARG A 43 -4.96 7.53 -10.37
N PRO A 44 -6.15 8.07 -10.61
CA PRO A 44 -6.82 8.86 -9.58
C PRO A 44 -7.56 8.01 -8.56
N VAL A 45 -7.55 8.52 -7.32
CA VAL A 45 -8.44 8.00 -6.30
C VAL A 45 -9.87 8.43 -6.61
N VAL A 46 -10.80 7.50 -6.57
CA VAL A 46 -12.19 7.80 -6.86
C VAL A 46 -13.13 7.56 -5.70
N SER A 47 -12.70 6.83 -4.67
CA SER A 47 -13.49 6.65 -3.46
C SER A 47 -12.57 6.68 -2.25
N TRP A 48 -13.13 7.10 -1.13
CA TRP A 48 -12.40 7.28 0.12
C TRP A 48 -13.16 6.54 1.21
N PHE A 49 -12.49 5.61 1.88
CA PHE A 49 -13.14 4.80 2.91
C PHE A 49 -12.45 4.95 4.26
N ASP A 50 -13.27 5.29 5.25
CA ASP A 50 -12.89 5.21 6.65
C ASP A 50 -13.36 3.85 7.16
N GLN A 51 -12.42 2.96 7.46
CA GLN A 51 -12.75 1.60 7.84
C GLN A 51 -12.73 1.38 9.35
N GLY A 52 -12.61 2.45 10.13
CA GLY A 52 -12.72 2.34 11.56
C GLY A 52 -11.45 1.84 12.22
N THR A 53 -11.55 1.50 13.49
CA THR A 53 -10.38 1.09 14.27
C THR A 53 -10.22 -0.42 14.24
N ARG A 54 -9.03 -0.87 13.87
CA ARG A 54 -8.76 -2.28 13.64
C ARG A 54 -7.35 -2.59 14.09
N ASP A 55 -7.09 -3.88 14.27
CA ASP A 55 -5.72 -4.35 14.41
C ASP A 55 -5.00 -4.24 13.07
N VAL A 56 -3.78 -3.72 13.11
CA VAL A 56 -2.89 -3.74 11.95
C VAL A 56 -1.59 -4.41 12.36
N ILE A 57 -1.04 -5.19 11.43
CA ILE A 57 0.28 -5.79 11.59
C ILE A 57 1.28 -4.95 10.82
N GLY A 58 2.57 -5.18 11.12
CA GLY A 58 3.57 -4.40 10.42
C GLY A 58 4.51 -5.23 9.58
N LEU A 59 4.76 -4.83 8.34
CA LEU A 59 5.72 -5.50 7.49
C LEU A 59 6.89 -4.55 7.29
N ARG A 60 8.03 -4.86 7.91
CA ARG A 60 9.22 -4.05 7.74
C ARG A 60 9.98 -4.57 6.53
N ILE A 61 10.25 -3.68 5.58
CA ILE A 61 10.72 -3.98 4.23
C ILE A 61 12.17 -3.55 4.15
N ALA A 62 12.96 -4.25 3.33
CA ALA A 62 14.30 -3.76 3.03
C ALA A 62 14.22 -2.31 2.55
N GLY A 63 15.12 -1.48 3.07
CA GLY A 63 15.05 -0.05 2.89
C GLY A 63 14.56 0.69 4.12
N GLY A 64 13.82 0.03 5.00
CA GLY A 64 13.45 0.59 6.28
C GLY A 64 12.00 0.98 6.44
N ALA A 65 11.22 0.98 5.35
CA ALA A 65 9.82 1.32 5.48
C ALA A 65 9.08 0.20 6.20
N ILE A 66 8.03 0.58 6.92
CA ILE A 66 7.13 -0.37 7.55
C ILE A 66 5.74 -0.11 7.05
N LEU A 67 5.14 -1.11 6.41
CA LEU A 67 3.74 -1.04 5.97
C LEU A 67 2.87 -1.57 7.09
N TRP A 68 1.91 -0.76 7.55
CA TRP A 68 1.00 -1.14 8.61
C TRP A 68 -0.37 -1.38 7.98
N ALA A 69 -0.84 -2.63 8.00
CA ALA A 69 -2.06 -2.98 7.30
C ALA A 69 -2.81 -4.06 8.06
N THR A 70 -4.11 -4.17 7.82
CA THR A 70 -4.86 -5.24 8.45
C THR A 70 -4.37 -6.58 7.91
N PRO A 71 -4.45 -7.65 8.72
CA PRO A 71 -3.97 -8.95 8.22
C PRO A 71 -4.63 -9.41 6.94
N ASP A 72 -5.85 -8.97 6.65
CA ASP A 72 -6.52 -9.41 5.45
C ASP A 72 -6.23 -8.54 4.24
N HIS A 73 -5.45 -7.47 4.38
CA HIS A 73 -5.20 -6.60 3.23
C HIS A 73 -4.31 -7.29 2.21
N LYS A 74 -4.68 -7.18 0.94
CA LYS A 74 -3.93 -7.86 -0.11
C LYS A 74 -2.71 -7.05 -0.54
N VAL A 75 -1.57 -7.74 -0.57
CA VAL A 75 -0.27 -7.19 -0.92
C VAL A 75 0.24 -7.94 -2.15
N LEU A 76 0.80 -7.23 -3.11
CA LEU A 76 1.37 -7.90 -4.28
C LEU A 76 2.75 -8.45 -3.93
N THR A 77 2.95 -9.75 -4.20
CA THR A 77 4.19 -10.41 -3.81
C THR A 77 4.79 -11.15 -4.99
N GLU A 78 5.97 -11.72 -4.75
CA GLU A 78 6.64 -12.55 -5.74
C GLU A 78 5.78 -13.76 -6.13
N TYR A 79 4.80 -14.11 -5.29
N TYR A 79 4.78 -14.14 -5.37
CA TYR A 79 3.86 -15.22 -5.47
CA TYR A 79 3.93 -15.23 -5.84
C TYR A 79 2.59 -14.81 -6.22
C TYR A 79 2.48 -14.80 -5.93
N GLY A 80 2.26 -13.53 -6.25
CA GLY A 80 0.94 -13.05 -6.56
C GLY A 80 0.38 -12.31 -5.36
N TRP A 81 -0.93 -12.08 -5.40
CA TRP A 81 -1.59 -11.38 -4.31
C TRP A 81 -1.68 -12.28 -3.08
N ARG A 82 -1.28 -11.74 -1.94
CA ARG A 82 -1.33 -12.48 -0.67
C ARG A 82 -1.83 -11.57 0.44
N ALA A 83 -2.60 -12.16 1.36
CA ALA A 83 -3.01 -11.41 2.55
C ALA A 83 -1.80 -11.04 3.39
N ALA A 84 -1.77 -9.81 3.89
CA ALA A 84 -0.61 -9.35 4.64
C ALA A 84 -0.31 -10.29 5.80
N GLY A 85 -1.36 -10.79 6.45
CA GLY A 85 -1.19 -11.66 7.60
C GLY A 85 -0.61 -13.03 7.30
N GLU A 86 -0.56 -13.42 6.02
CA GLU A 86 0.06 -14.68 5.65
C GLU A 86 1.53 -14.52 5.30
N LEU A 87 2.03 -13.30 5.18
CA LEU A 87 3.40 -13.06 4.79
C LEU A 87 4.35 -13.27 5.97
N ARG A 88 5.57 -13.67 5.66
CA ARG A 88 6.56 -14.01 6.67
C ARG A 88 7.88 -13.37 6.28
N LYS A 89 8.76 -13.21 7.27
CA LYS A 89 10.13 -12.79 7.02
C LYS A 89 10.73 -13.59 5.86
N GLY A 90 11.32 -12.89 4.90
CA GLY A 90 11.91 -13.53 3.75
C GLY A 90 11.04 -13.53 2.50
N ASP A 91 9.74 -13.38 2.65
CA ASP A 91 8.89 -13.19 1.49
C ASP A 91 9.21 -11.85 0.82
N ARG A 92 8.98 -11.79 -0.48
CA ARG A 92 9.35 -10.61 -1.26
C ARG A 92 8.08 -9.93 -1.79
N VAL A 93 7.95 -8.63 -1.50
CA VAL A 93 6.79 -7.86 -1.92
C VAL A 93 7.17 -6.95 -3.09
N ALA A 94 6.18 -6.63 -3.91
CA ALA A 94 6.39 -5.70 -5.02
C ALA A 94 6.46 -4.29 -4.46
N VAL A 95 7.44 -3.52 -4.93
CA VAL A 95 7.69 -2.16 -4.49
C VAL A 95 7.92 -1.26 -5.70
N ARG A 96 7.71 0.03 -5.48
CA ARG A 96 8.16 1.05 -6.41
C ARG A 96 9.56 1.49 -6.01
N ASP A 97 10.52 1.33 -6.91
CA ASP A 97 11.87 1.81 -6.60
C ASP A 97 11.82 3.33 -6.47
N VAL A 98 12.24 3.84 -5.31
CA VAL A 98 12.05 5.27 -5.02
C VAL A 98 12.95 6.15 -5.87
N GLU A 99 14.04 5.61 -6.40
CA GLU A 99 14.93 6.39 -7.26
C GLU A 99 14.54 6.29 -8.73
N THR A 100 14.09 5.11 -9.18
CA THR A 100 13.79 4.91 -10.60
C THR A 100 12.31 4.98 -10.93
N GLY A 101 11.41 4.78 -9.97
CA GLY A 101 9.99 4.76 -10.25
C GLY A 101 9.48 3.50 -10.90
N GLU A 102 10.31 2.48 -11.05
CA GLU A 102 9.92 1.23 -11.67
C GLU A 102 9.64 0.17 -10.62
N LEU A 103 8.93 -0.87 -11.02
CA LEU A 103 8.60 -1.93 -10.08
C LEU A 103 9.78 -2.88 -9.85
N ARG A 104 10.00 -3.23 -8.60
CA ARG A 104 10.95 -4.30 -8.27
C ARG A 104 10.41 -5.02 -7.05
N TYR A 105 11.23 -5.89 -6.45
CA TYR A 105 10.78 -6.66 -5.30
C TYR A 105 11.75 -6.47 -4.14
N SER A 106 11.21 -6.40 -2.93
CA SER A 106 12.00 -6.24 -1.72
C SER A 106 11.61 -7.28 -0.68
N VAL A 107 12.59 -7.73 0.08
N VAL A 107 12.60 -7.71 0.09
CA VAL A 107 12.34 -8.75 1.09
CA VAL A 107 12.39 -8.73 1.11
C VAL A 107 11.74 -8.13 2.33
C VAL A 107 11.74 -8.12 2.34
N ILE A 108 10.84 -8.87 2.98
CA ILE A 108 10.35 -8.52 4.30
C ILE A 108 11.42 -8.87 5.32
N ARG A 109 11.91 -7.86 6.03
CA ARG A 109 12.91 -8.08 7.08
C ARG A 109 12.26 -8.50 8.38
N GLU A 110 11.03 -8.05 8.65
CA GLU A 110 10.44 -8.43 9.93
C GLU A 110 8.92 -8.30 9.87
N VAL A 111 8.22 -9.18 10.57
CA VAL A 111 6.77 -9.06 10.75
C VAL A 111 6.53 -8.62 12.19
N LEU A 112 5.79 -7.56 12.36
CA LEU A 112 5.54 -6.95 13.66
C LEU A 112 4.12 -7.28 14.13
N PRO A 113 3.97 -7.45 15.46
CA PRO A 113 2.66 -7.82 16.03
C PRO A 113 1.64 -6.70 15.88
N THR A 114 0.39 -7.04 16.19
CA THR A 114 -0.68 -6.07 15.97
C THR A 114 -0.58 -4.88 16.92
N ARG A 115 -1.03 -3.74 16.42
CA ARG A 115 -1.39 -2.59 17.23
C ARG A 115 -2.70 -2.07 16.70
N ARG A 116 -3.39 -1.28 17.52
CA ARG A 116 -4.71 -0.77 17.15
C ARG A 116 -4.56 0.58 16.48
N ALA A 117 -5.24 0.77 15.34
CA ALA A 117 -5.12 2.03 14.62
C ALA A 117 -6.42 2.31 13.87
N ARG A 118 -6.67 3.60 13.62
CA ARG A 118 -7.64 3.96 12.60
C ARG A 118 -7.15 3.39 11.27
N THR A 119 -8.07 2.89 10.46
CA THR A 119 -7.70 2.30 9.18
C THR A 119 -8.57 2.84 8.06
N PHE A 120 -8.08 2.66 6.84
CA PHE A 120 -8.58 3.36 5.66
C PHE A 120 -8.39 2.49 4.42
N ASP A 121 -9.22 2.75 3.41
CA ASP A 121 -9.01 2.20 2.08
C ASP A 121 -9.25 3.31 1.06
N LEU A 122 -8.65 3.15 -0.11
CA LEU A 122 -8.94 3.99 -1.26
C LEU A 122 -9.31 3.10 -2.43
N GLU A 123 -10.23 3.58 -3.26
CA GLU A 123 -10.51 2.94 -4.53
C GLU A 123 -9.75 3.70 -5.61
N VAL A 124 -8.93 2.99 -6.37
CA VAL A 124 -8.11 3.60 -7.41
C VAL A 124 -8.64 3.19 -8.78
N GLU A 125 -8.90 4.19 -9.62
CA GLU A 125 -9.57 3.97 -10.91
C GLU A 125 -8.81 2.98 -11.80
N GLU A 126 -9.57 2.06 -12.39
CA GLU A 126 -9.14 1.10 -13.42
C GLU A 126 -8.20 0.01 -12.90
N LEU A 127 -7.12 0.40 -12.23
CA LEU A 127 -6.10 -0.59 -11.86
C LEU A 127 -6.25 -1.14 -10.45
N HIS A 128 -6.93 -0.43 -9.55
CA HIS A 128 -7.34 -0.98 -8.24
C HIS A 128 -6.16 -1.37 -7.38
N THR A 129 -5.04 -0.67 -7.53
CA THR A 129 -3.85 -0.86 -6.73
C THR A 129 -3.26 0.51 -6.41
N LEU A 130 -2.43 0.55 -5.37
CA LEU A 130 -1.68 1.76 -5.09
C LEU A 130 -0.38 1.41 -4.38
N VAL A 131 0.55 2.34 -4.44
CA VAL A 131 1.82 2.22 -3.71
C VAL A 131 1.69 2.92 -2.36
N ALA A 132 1.91 2.16 -1.28
CA ALA A 132 1.72 2.62 0.09
C ALA A 132 3.00 2.27 0.82
N GLU A 133 3.68 3.27 1.39
CA GLU A 133 5.00 3.06 1.99
C GLU A 133 5.94 2.32 1.03
N GLY A 134 5.82 2.63 -0.26
CA GLY A 134 6.64 2.01 -1.28
C GLY A 134 6.16 0.66 -1.78
N VAL A 135 5.14 0.06 -1.15
CA VAL A 135 4.72 -1.31 -1.43
C VAL A 135 3.45 -1.31 -2.28
N VAL A 136 3.37 -2.19 -3.27
CA VAL A 136 2.17 -2.31 -4.08
C VAL A 136 1.10 -3.07 -3.31
N VAL A 137 -0.04 -2.42 -3.05
CA VAL A 137 -1.12 -3.04 -2.29
C VAL A 137 -2.43 -2.85 -3.04
N HIS A 138 -3.43 -3.56 -2.53
CA HIS A 138 -4.77 -3.55 -3.09
C HIS A 138 -5.48 -2.23 -2.78
N ALA A 139 -6.25 -1.72 -3.76
CA ALA A 139 -6.95 -0.44 -3.62
C ALA A 139 -8.24 -0.54 -4.45
N CYS A 140 -9.13 -1.40 -3.98
CA CYS A 140 -10.18 -1.95 -4.82
C CYS A 140 -11.54 -1.31 -4.51
N SER A 141 -12.54 -1.73 -5.28
CA SER A 141 -13.92 -1.36 -5.00
C SER A 141 -14.42 -2.11 -3.78
N PRO A 142 -15.48 -1.59 -3.12
CA PRO A 142 -16.08 -2.30 -1.99
C PRO A 142 -16.65 -3.66 -2.40
#